data_3GBD
#
_entry.id   3GBD
#
_cell.length_a   61.630
_cell.length_b   81.390
_cell.length_c   135.570
_cell.angle_alpha   90.00
_cell.angle_beta   90.00
_cell.angle_gamma   90.00
#
_symmetry.space_group_name_H-M   'P 21 21 21'
#
loop_
_entity.id
_entity.type
_entity.pdbx_description
1 polymer 'Sucrose isomerase SmuA from Protaminobacter rubrum'
2 non-polymer 1,2-ETHANEDIOL
3 non-polymer 'CITRATE ANION'
4 water water
#
_entity_poly.entity_id   1
_entity_poly.type   'polypeptide(L)'
_entity_poly.pdbx_seq_one_letter_code
;TIPKWWKEAVFYQVYPRSFKDTNGDGIGDINGIIEKLDYLKALGIDAIWINPHYDSPNTDNGYDIRDYRKIMKEYGTMED
FDRLISEMKKRNMRLMIDVVINHTSDQNEWFVKSKSSKDNPYRGYYFWKDAKEGQAPNNYPSFFGGSAWQKDEKTNQYYL
HYFAKQQPDLNWDNPKVRQDLYAMLRFWLDKGVSGLRFDTVATYSKIPDFPNLTQQQLKNFAAEYTKGPNIHRYVNEMNK
EVLSHYDIATAGEIFGVPLDQSIKFFDRRRDELNIAFTFDLIRLDRDSDQRWRRKDWKLSQFRQIIDNVDRTAGEYGWNA
FFLDNHDNPRAVSHFGDDRPQWREPSAKALATLTLTQRATPFIYQGSELGMTNYPFKAIDEFDDIEVKGFWHDYVETGKV
KADEFLQNVRLTSRDNSRTPFQWDGSKNAGFTSGKPWFKVNPNYQEINAVSQVTQPDSVFNYYRQLIKIRHDIPALTYGT
YTDLDPANDSVYAYTRSLGAEKYLVVVNFKEQMMRYKLPDNLSIEKVIIDSNSKNVVKKNDSLLELKPWQSGVYKLNQ
;
_entity_poly.pdbx_strand_id   A
#
# COMPACT_ATOMS: atom_id res chain seq x y z
N THR A 1 20.87 15.71 4.84
CA THR A 1 20.49 14.28 4.58
C THR A 1 21.19 13.30 5.52
N ILE A 2 20.41 12.52 6.27
CA ILE A 2 20.99 11.51 7.16
C ILE A 2 20.61 10.12 6.64
N PRO A 3 21.60 9.22 6.52
CA PRO A 3 21.35 7.87 6.04
C PRO A 3 20.56 7.00 7.03
N LYS A 4 19.63 6.21 6.51
CA LYS A 4 18.81 5.31 7.31
C LYS A 4 18.58 4.07 6.50
N TRP A 5 18.71 2.91 7.14
CA TRP A 5 18.52 1.67 6.41
C TRP A 5 17.17 1.63 5.73
N TRP A 6 16.17 2.25 6.36
CA TRP A 6 14.82 2.22 5.80
C TRP A 6 14.56 3.17 4.64
N LYS A 7 15.52 4.06 4.35
CA LYS A 7 15.37 4.93 3.21
C LYS A 7 16.00 4.24 2.01
N GLU A 8 16.98 3.38 2.28
CA GLU A 8 17.69 2.65 1.21
C GLU A 8 17.08 1.28 0.94
N ALA A 9 16.35 0.74 1.90
CA ALA A 9 15.80 -0.58 1.74
C ALA A 9 14.72 -0.73 0.67
N VAL A 10 14.68 -1.90 0.05
CA VAL A 10 13.64 -2.21 -0.93
C VAL A 10 12.70 -3.14 -0.18
N PHE A 11 11.48 -2.66 0.08
CA PHE A 11 10.47 -3.43 0.79
C PHE A 11 9.60 -4.23 -0.19
N TYR A 12 9.08 -5.33 0.31
CA TYR A 12 8.23 -6.24 -0.45
C TYR A 12 7.03 -6.49 0.46
N GLN A 13 5.83 -6.25 -0.03
CA GLN A 13 4.66 -6.46 0.79
C GLN A 13 4.03 -7.84 0.55
N VAL A 14 3.86 -8.58 1.63
CA VAL A 14 3.26 -9.90 1.56
C VAL A 14 1.85 -9.86 2.21
N TYR A 15 0.87 -10.34 1.45
CA TYR A 15 -0.54 -10.43 1.90
C TYR A 15 -0.58 -11.92 2.24
N PRO A 16 -0.35 -12.28 3.52
CA PRO A 16 -0.33 -13.69 3.92
C PRO A 16 -1.38 -14.58 3.32
N ARG A 17 -2.62 -14.13 3.37
CA ARG A 17 -3.75 -14.88 2.88
C ARG A 17 -3.59 -15.39 1.46
N SER A 18 -2.88 -14.64 0.64
CA SER A 18 -2.76 -15.01 -0.76
C SER A 18 -1.35 -15.19 -1.26
N PHE A 19 -0.40 -15.45 -0.37
CA PHE A 19 1.00 -15.64 -0.80
C PHE A 19 1.30 -17.13 -1.07
N LYS A 20 1.33 -17.93 -0.01
N LYS A 20 1.35 -17.95 -0.02
CA LYS A 20 1.63 -19.36 -0.16
CA LYS A 20 1.64 -19.37 -0.19
C LYS A 20 0.95 -20.21 0.91
C LYS A 20 0.98 -20.23 0.89
N ASP A 21 0.13 -21.18 0.49
CA ASP A 21 -0.56 -22.06 1.42
C ASP A 21 0.27 -23.34 1.55
N THR A 22 0.56 -23.78 2.78
CA THR A 22 1.36 -24.98 2.95
C THR A 22 0.62 -26.18 3.56
N ASN A 23 -0.65 -26.02 3.95
CA ASN A 23 -1.37 -27.14 4.52
C ASN A 23 -2.67 -27.50 3.82
N GLY A 24 -2.80 -27.07 2.58
CA GLY A 24 -3.97 -27.42 1.78
C GLY A 24 -5.36 -26.92 2.12
N ASP A 25 -5.46 -25.86 2.92
CA ASP A 25 -6.80 -25.37 3.25
C ASP A 25 -7.19 -24.17 2.38
N GLY A 26 -6.33 -23.86 1.40
CA GLY A 26 -6.59 -22.77 0.49
C GLY A 26 -6.24 -21.36 0.98
N ILE A 27 -5.67 -21.30 2.18
CA ILE A 27 -5.31 -20.04 2.80
C ILE A 27 -3.80 -19.90 3.02
N GLY A 28 -3.22 -18.82 2.51
CA GLY A 28 -1.80 -18.57 2.70
C GLY A 28 -1.47 -18.54 4.18
N ASP A 29 -0.26 -18.95 4.54
CA ASP A 29 0.16 -19.01 5.94
C ASP A 29 1.62 -18.61 6.16
N ILE A 30 2.03 -18.52 7.43
CA ILE A 30 3.39 -18.12 7.75
C ILE A 30 4.45 -19.11 7.29
N ASN A 31 4.16 -20.40 7.37
CA ASN A 31 5.12 -21.38 6.89
C ASN A 31 5.33 -21.20 5.38
N GLY A 32 4.31 -20.73 4.67
CA GLY A 32 4.44 -20.48 3.25
C GLY A 32 5.42 -19.33 3.02
N ILE A 33 5.32 -18.27 3.81
CA ILE A 33 6.25 -17.13 3.68
C ILE A 33 7.68 -17.60 3.93
N ILE A 34 7.89 -18.38 4.99
CA ILE A 34 9.21 -18.90 5.33
C ILE A 34 9.77 -19.75 4.17
N GLU A 35 8.90 -20.56 3.58
CA GLU A 35 9.27 -21.40 2.46
C GLU A 35 9.78 -20.61 1.26
N LYS A 36 9.35 -19.35 1.14
CA LYS A 36 9.75 -18.52 0.00
C LYS A 36 10.76 -17.43 0.29
N LEU A 37 11.38 -17.47 1.47
CA LEU A 37 12.37 -16.45 1.80
C LEU A 37 13.59 -16.47 0.87
N ASP A 38 13.94 -17.63 0.32
CA ASP A 38 15.10 -17.70 -0.58
C ASP A 38 14.73 -17.04 -1.92
N TYR A 39 13.47 -17.20 -2.32
CA TYR A 39 12.95 -16.58 -3.55
C TYR A 39 13.04 -15.07 -3.43
N LEU A 40 12.59 -14.55 -2.30
CA LEU A 40 12.63 -13.11 -2.05
C LEU A 40 14.07 -12.62 -1.94
N LYS A 41 14.93 -13.43 -1.35
CA LYS A 41 16.34 -13.05 -1.22
C LYS A 41 17.02 -13.01 -2.59
N ALA A 42 16.61 -13.91 -3.49
CA ALA A 42 17.19 -13.91 -4.83
C ALA A 42 16.72 -12.66 -5.55
N LEU A 43 15.48 -12.26 -5.27
N LEU A 43 15.48 -12.25 -5.30
CA LEU A 43 14.89 -11.07 -5.87
CA LEU A 43 14.95 -11.04 -5.93
C LEU A 43 15.73 -9.86 -5.43
C LEU A 43 15.75 -9.84 -5.44
N GLY A 44 16.18 -9.90 -4.17
CA GLY A 44 16.99 -8.82 -3.62
C GLY A 44 16.35 -7.97 -2.55
N ILE A 45 15.19 -8.41 -2.10
CA ILE A 45 14.41 -7.74 -1.06
C ILE A 45 15.17 -7.56 0.27
N ASP A 46 15.08 -6.37 0.87
CA ASP A 46 15.74 -6.10 2.15
C ASP A 46 14.79 -6.27 3.34
N ALA A 47 13.50 -6.03 3.11
CA ALA A 47 12.55 -6.13 4.19
C ALA A 47 11.18 -6.50 3.68
N ILE A 48 10.42 -7.16 4.52
CA ILE A 48 9.07 -7.59 4.19
C ILE A 48 8.02 -6.96 5.12
N TRP A 49 6.95 -6.41 4.55
CA TRP A 49 5.87 -5.88 5.37
C TRP A 49 4.71 -6.86 5.14
N ILE A 50 4.18 -7.43 6.22
CA ILE A 50 3.07 -8.37 6.09
C ILE A 50 1.81 -7.71 6.61
N ASN A 51 0.69 -7.99 5.94
CA ASN A 51 -0.58 -7.44 6.36
C ASN A 51 -0.94 -8.15 7.68
N PRO A 52 -2.00 -7.71 8.39
CA PRO A 52 -2.40 -8.31 9.66
C PRO A 52 -2.35 -9.81 9.78
N HIS A 53 -1.62 -10.26 10.79
CA HIS A 53 -1.41 -11.67 11.08
C HIS A 53 -2.07 -12.09 12.39
N TYR A 54 -2.83 -11.20 13.01
CA TYR A 54 -3.47 -11.48 14.31
C TYR A 54 -4.82 -12.19 14.22
N ASP A 55 -5.21 -12.82 15.32
CA ASP A 55 -6.48 -13.54 15.40
C ASP A 55 -7.62 -12.62 14.93
N SER A 56 -8.36 -13.07 13.92
CA SER A 56 -9.43 -12.24 13.35
C SER A 56 -10.57 -13.01 12.71
N PRO A 57 -11.81 -12.48 12.85
CA PRO A 57 -13.00 -13.12 12.26
C PRO A 57 -12.96 -12.92 10.74
N ASN A 58 -12.04 -12.07 10.29
CA ASN A 58 -11.86 -11.78 8.88
C ASN A 58 -13.02 -11.13 8.14
N THR A 59 -13.73 -10.24 8.82
CA THR A 59 -14.80 -9.50 8.15
C THR A 59 -14.06 -8.61 7.13
N ASP A 60 -12.85 -8.18 7.51
CA ASP A 60 -12.03 -7.31 6.66
C ASP A 60 -10.64 -7.93 6.51
N ASN A 61 -10.63 -9.25 6.32
CA ASN A 61 -9.41 -10.03 6.12
C ASN A 61 -8.21 -9.57 6.95
N GLY A 62 -8.34 -9.65 8.27
CA GLY A 62 -7.24 -9.31 9.14
C GLY A 62 -7.30 -7.95 9.80
N TYR A 63 -8.02 -7.02 9.19
CA TYR A 63 -8.09 -5.68 9.74
C TYR A 63 -9.15 -5.51 10.84
N ASP A 64 -9.82 -6.60 11.22
CA ASP A 64 -10.77 -6.59 12.35
C ASP A 64 -10.19 -7.59 13.34
N ILE A 65 -9.40 -7.07 14.26
CA ILE A 65 -8.68 -7.89 15.25
C ILE A 65 -9.43 -8.31 16.51
N ARG A 66 -9.54 -9.62 16.70
CA ARG A 66 -10.24 -10.17 17.86
C ARG A 66 -9.28 -10.29 19.06
N ASP A 67 -8.02 -10.60 18.79
CA ASP A 67 -7.00 -10.74 19.83
C ASP A 67 -5.64 -10.29 19.30
N TYR A 68 -5.13 -9.17 19.81
CA TYR A 68 -3.84 -8.64 19.35
C TYR A 68 -2.63 -9.46 19.78
N ARG A 69 -2.76 -10.34 20.77
CA ARG A 69 -1.61 -11.14 21.20
C ARG A 69 -1.61 -12.57 20.67
N LYS A 70 -2.51 -12.88 19.73
CA LYS A 70 -2.60 -14.22 19.20
C LYS A 70 -2.45 -14.25 17.68
N ILE A 71 -1.83 -15.29 17.14
CA ILE A 71 -1.66 -15.45 15.70
C ILE A 71 -2.98 -15.94 15.06
N MET A 72 -3.31 -15.43 13.88
CA MET A 72 -4.53 -15.88 13.21
C MET A 72 -4.40 -17.39 12.98
N LYS A 73 -5.41 -18.13 13.42
CA LYS A 73 -5.44 -19.59 13.29
C LYS A 73 -4.93 -20.09 11.93
N GLU A 74 -5.53 -19.59 10.86
CA GLU A 74 -5.18 -19.99 9.49
C GLU A 74 -3.71 -19.73 9.07
N TYR A 75 -3.05 -18.78 9.73
CA TYR A 75 -1.67 -18.44 9.39
C TYR A 75 -0.59 -19.22 10.12
N GLY A 76 -0.94 -19.81 11.26
CA GLY A 76 0.04 -20.58 12.02
C GLY A 76 0.10 -20.31 13.51
N THR A 77 1.26 -20.57 14.11
CA THR A 77 1.46 -20.40 15.54
C THR A 77 2.44 -19.29 15.87
N MET A 78 2.56 -18.98 17.16
CA MET A 78 3.49 -17.95 17.61
C MET A 78 4.89 -18.48 17.26
N GLU A 79 4.99 -19.81 17.26
CA GLU A 79 6.22 -20.52 16.94
C GLU A 79 6.64 -20.20 15.51
N ASP A 80 5.68 -20.31 14.60
CA ASP A 80 5.92 -20.05 13.18
C ASP A 80 6.35 -18.59 13.01
N PHE A 81 5.71 -17.70 13.74
CA PHE A 81 6.03 -16.27 13.68
C PHE A 81 7.47 -15.99 14.13
N ASP A 82 7.88 -16.59 15.24
CA ASP A 82 9.24 -16.35 15.73
C ASP A 82 10.26 -16.94 14.77
N ARG A 83 9.90 -18.06 14.15
CA ARG A 83 10.79 -18.69 13.19
C ARG A 83 10.94 -17.78 11.95
N LEU A 84 9.84 -17.15 11.54
CA LEU A 84 9.89 -16.26 10.40
C LEU A 84 10.87 -15.13 10.69
N ILE A 85 10.77 -14.54 11.88
CA ILE A 85 11.68 -13.47 12.23
C ILE A 85 13.12 -13.97 12.17
N SER A 86 13.35 -15.17 12.70
CA SER A 86 14.69 -15.75 12.71
C SER A 86 15.22 -16.12 11.33
N GLU A 87 14.39 -16.75 10.50
CA GLU A 87 14.83 -17.13 9.17
C GLU A 87 15.13 -15.88 8.36
N MET A 88 14.41 -14.80 8.65
CA MET A 88 14.63 -13.54 7.96
C MET A 88 15.95 -12.92 8.42
N LYS A 89 16.17 -12.89 9.74
CA LYS A 89 17.41 -12.33 10.30
C LYS A 89 18.62 -13.00 9.67
N LYS A 90 18.52 -14.32 9.50
CA LYS A 90 19.57 -15.12 8.90
C LYS A 90 19.89 -14.59 7.51
N ARG A 91 18.85 -14.12 6.84
CA ARG A 91 19.03 -13.62 5.49
C ARG A 91 19.18 -12.11 5.44
N ASN A 92 19.45 -11.51 6.59
CA ASN A 92 19.64 -10.07 6.65
C ASN A 92 18.41 -9.32 6.17
N MET A 93 17.24 -9.80 6.54
CA MET A 93 15.97 -9.18 6.16
C MET A 93 15.26 -8.71 7.42
N ARG A 94 14.55 -7.59 7.31
CA ARG A 94 13.84 -7.04 8.43
C ARG A 94 12.34 -7.16 8.23
N LEU A 95 11.62 -7.50 9.30
CA LEU A 95 10.17 -7.64 9.23
C LEU A 95 9.38 -6.43 9.75
N MET A 96 8.38 -6.03 8.97
CA MET A 96 7.50 -4.92 9.33
C MET A 96 6.10 -5.50 9.46
N ILE A 97 5.39 -5.19 10.54
CA ILE A 97 4.05 -5.73 10.71
C ILE A 97 3.05 -4.60 10.63
N ASP A 98 1.80 -4.96 10.39
CA ASP A 98 0.70 -4.02 10.27
C ASP A 98 0.07 -3.77 11.67
N VAL A 99 -0.02 -2.50 12.06
CA VAL A 99 -0.60 -2.09 13.35
C VAL A 99 -1.98 -1.49 13.04
N VAL A 100 -3.03 -2.17 13.47
CA VAL A 100 -4.39 -1.75 13.23
C VAL A 100 -5.02 -1.34 14.58
N ILE A 101 -4.85 -0.06 14.93
CA ILE A 101 -5.38 0.40 16.22
C ILE A 101 -6.37 1.54 16.19
N ASN A 102 -6.96 1.80 15.03
CA ASN A 102 -7.98 2.83 14.92
C ASN A 102 -9.25 2.16 15.46
N HIS A 103 -9.33 0.84 15.30
CA HIS A 103 -10.50 0.07 15.67
C HIS A 103 -10.10 -1.37 15.97
N THR A 104 -11.05 -2.16 16.45
CA THR A 104 -10.81 -3.58 16.74
C THR A 104 -12.00 -4.37 16.23
N SER A 105 -11.92 -5.69 16.31
CA SER A 105 -13.06 -6.51 15.92
C SER A 105 -14.13 -6.30 16.99
N ASP A 106 -15.40 -6.52 16.64
CA ASP A 106 -16.43 -6.38 17.64
C ASP A 106 -16.46 -7.67 18.49
N GLN A 107 -15.53 -8.58 18.22
CA GLN A 107 -15.43 -9.80 19.01
C GLN A 107 -14.24 -9.61 19.94
N ASN A 108 -13.58 -8.47 19.83
CA ASN A 108 -12.43 -8.21 20.68
C ASN A 108 -12.94 -8.17 22.12
N GLU A 109 -12.16 -8.74 23.03
CA GLU A 109 -12.55 -8.80 24.44
C GLU A 109 -12.96 -7.44 24.99
N TRP A 110 -12.23 -6.38 24.64
CA TRP A 110 -12.59 -5.07 25.14
C TRP A 110 -13.99 -4.66 24.67
N PHE A 111 -14.35 -4.98 23.44
CA PHE A 111 -15.68 -4.60 22.95
C PHE A 111 -16.78 -5.49 23.53
N VAL A 112 -16.48 -6.78 23.67
CA VAL A 112 -17.46 -7.68 24.24
C VAL A 112 -17.83 -7.13 25.63
N LYS A 113 -16.84 -6.70 26.40
CA LYS A 113 -17.12 -6.14 27.73
C LYS A 113 -17.76 -4.77 27.61
N SER A 114 -17.24 -3.97 26.66
CA SER A 114 -17.76 -2.61 26.45
C SER A 114 -19.26 -2.54 26.16
N LYS A 115 -19.77 -3.45 25.34
CA LYS A 115 -21.18 -3.44 24.98
C LYS A 115 -22.09 -4.09 26.01
N SER A 116 -21.51 -4.78 27.00
CA SER A 116 -22.30 -5.48 28.02
C SER A 116 -23.18 -4.61 28.92
N SER A 117 -22.74 -3.39 29.24
CA SER A 117 -23.56 -2.50 30.08
C SER A 117 -22.93 -1.11 30.10
N LYS A 118 -23.77 -0.08 30.25
CA LYS A 118 -23.30 1.31 30.26
C LYS A 118 -22.30 1.61 31.35
N ASP A 119 -22.20 0.75 32.34
CA ASP A 119 -21.28 0.99 33.45
C ASP A 119 -20.10 0.04 33.51
N ASN A 120 -19.91 -0.74 32.45
CA ASN A 120 -18.79 -1.68 32.42
C ASN A 120 -17.52 -0.86 32.35
N PRO A 121 -16.46 -1.31 33.04
CA PRO A 121 -15.20 -0.54 33.01
C PRO A 121 -14.70 -0.21 31.60
N TYR A 122 -15.00 -1.06 30.64
CA TYR A 122 -14.55 -0.83 29.27
C TYR A 122 -15.54 -0.10 28.36
N ARG A 123 -16.58 0.48 28.95
CA ARG A 123 -17.57 1.18 28.12
C ARG A 123 -16.87 2.31 27.39
N GLY A 124 -15.97 3.00 28.08
CA GLY A 124 -15.25 4.11 27.51
C GLY A 124 -14.13 3.78 26.52
N TYR A 125 -13.95 2.51 26.21
CA TYR A 125 -12.91 2.10 25.26
C TYR A 125 -13.35 2.31 23.81
N TYR A 126 -14.64 2.60 23.64
CA TYR A 126 -15.22 2.84 22.33
C TYR A 126 -16.15 4.05 22.47
N PHE A 127 -16.84 4.40 21.38
CA PHE A 127 -17.72 5.56 21.39
C PHE A 127 -19.19 5.20 21.39
N TRP A 128 -19.88 5.49 22.50
CA TRP A 128 -21.30 5.19 22.61
C TRP A 128 -22.12 6.48 22.74
N LYS A 129 -23.25 6.51 22.06
CA LYS A 129 -24.09 7.69 22.09
C LYS A 129 -25.58 7.40 21.95
N ASP A 130 -26.40 8.22 22.60
CA ASP A 130 -27.87 8.08 22.54
C ASP A 130 -28.40 8.43 21.16
N ALA A 131 -29.53 7.85 20.80
CA ALA A 131 -30.15 8.19 19.53
C ALA A 131 -30.52 9.68 19.55
N LYS A 132 -30.70 10.24 18.35
CA LYS A 132 -31.09 11.64 18.20
C LYS A 132 -32.45 11.58 17.53
N GLU A 133 -33.52 11.77 18.30
CA GLU A 133 -34.87 11.71 17.77
C GLU A 133 -35.09 10.32 17.18
N GLY A 134 -34.76 9.29 17.96
CA GLY A 134 -34.92 7.92 17.51
C GLY A 134 -34.02 7.53 16.35
N GLN A 135 -33.09 8.41 15.99
CA GLN A 135 -32.16 8.18 14.88
C GLN A 135 -30.70 8.07 15.34
N ALA A 136 -29.78 7.89 14.38
CA ALA A 136 -28.36 7.80 14.69
C ALA A 136 -27.93 9.14 15.27
N PRO A 137 -26.87 9.16 16.09
CA PRO A 137 -26.39 10.40 16.71
C PRO A 137 -26.12 11.53 15.72
N ASN A 138 -25.58 11.21 14.55
CA ASN A 138 -25.35 12.24 13.54
C ASN A 138 -25.31 11.66 12.14
N ASN A 139 -25.01 12.47 11.13
CA ASN A 139 -25.02 11.95 9.78
C ASN A 139 -23.74 11.34 9.23
N TYR A 140 -22.86 10.89 10.11
CA TYR A 140 -21.59 10.28 9.69
C TYR A 140 -21.81 9.04 8.82
N PRO A 141 -21.19 9.02 7.63
CA PRO A 141 -21.34 7.83 6.78
C PRO A 141 -20.13 6.92 7.06
N SER A 142 -20.26 5.63 6.74
CA SER A 142 -19.17 4.66 6.92
C SER A 142 -18.46 4.40 5.58
N PHE A 143 -17.15 4.17 5.63
CA PHE A 143 -16.38 3.88 4.41
C PHE A 143 -16.85 2.61 3.78
N PHE A 144 -17.38 1.72 4.60
CA PHE A 144 -17.83 0.42 4.14
C PHE A 144 -19.35 0.28 3.98
N GLY A 145 -20.06 1.40 3.89
CA GLY A 145 -21.49 1.32 3.66
C GLY A 145 -22.43 1.80 4.74
N GLY A 146 -23.46 2.54 4.35
CA GLY A 146 -24.43 3.02 5.32
C GLY A 146 -23.90 3.97 6.38
N SER A 147 -24.60 4.04 7.50
CA SER A 147 -24.23 4.90 8.62
C SER A 147 -23.01 4.39 9.38
N ALA A 148 -22.30 5.32 10.02
CA ALA A 148 -21.11 5.01 10.81
C ALA A 148 -21.52 4.74 12.25
N TRP A 149 -22.83 4.67 12.48
CA TRP A 149 -23.34 4.39 13.82
C TRP A 149 -24.19 3.14 13.81
N GLN A 150 -23.88 2.21 14.70
CA GLN A 150 -24.60 0.95 14.80
C GLN A 150 -25.35 0.88 16.12
N LYS A 151 -26.65 0.66 16.03
CA LYS A 151 -27.50 0.56 17.21
C LYS A 151 -27.29 -0.73 17.96
N ASP A 152 -27.24 -0.65 19.28
CA ASP A 152 -27.12 -1.82 20.16
C ASP A 152 -28.37 -1.79 21.03
N GLU A 153 -29.31 -2.70 20.79
CA GLU A 153 -30.55 -2.71 21.55
C GLU A 153 -30.46 -3.03 23.05
N LYS A 154 -29.41 -3.72 23.46
CA LYS A 154 -29.26 -4.05 24.86
C LYS A 154 -29.15 -2.80 25.72
N THR A 155 -28.20 -1.91 25.37
CA THR A 155 -27.96 -0.67 26.11
C THR A 155 -28.65 0.59 25.56
N ASN A 156 -29.31 0.45 24.41
CA ASN A 156 -30.04 1.54 23.79
C ASN A 156 -29.14 2.71 23.39
N GLN A 157 -27.98 2.40 22.82
CA GLN A 157 -27.09 3.44 22.35
C GLN A 157 -26.44 2.94 21.07
N TYR A 158 -25.85 3.86 20.31
CA TYR A 158 -25.16 3.52 19.06
C TYR A 158 -23.66 3.60 19.30
N TYR A 159 -22.88 2.76 18.62
CA TYR A 159 -21.43 2.81 18.72
C TYR A 159 -20.88 3.23 17.35
N LEU A 160 -19.74 3.92 17.36
CA LEU A 160 -19.12 4.43 16.15
C LEU A 160 -18.21 3.45 15.40
N HIS A 161 -18.34 3.40 14.08
CA HIS A 161 -17.47 2.57 13.25
C HIS A 161 -17.27 3.24 11.91
N TYR A 162 -16.07 3.78 11.71
CA TYR A 162 -15.75 4.42 10.44
C TYR A 162 -15.76 3.35 9.38
N PHE A 163 -15.31 2.15 9.74
CA PHE A 163 -15.30 1.07 8.77
C PHE A 163 -16.47 0.10 8.93
N ALA A 164 -16.25 -1.22 8.93
CA ALA A 164 -17.40 -2.13 9.06
C ALA A 164 -18.07 -2.04 10.43
N LYS A 165 -19.28 -2.55 10.55
CA LYS A 165 -19.95 -2.51 11.85
C LYS A 165 -19.21 -3.46 12.77
N GLN A 166 -18.47 -4.38 12.17
CA GLN A 166 -17.68 -5.34 12.94
C GLN A 166 -16.32 -4.72 13.31
N GLN A 167 -16.16 -3.43 13.05
CA GLN A 167 -14.92 -2.74 13.37
C GLN A 167 -15.14 -1.44 14.15
N PRO A 168 -15.58 -1.55 15.41
CA PRO A 168 -15.82 -0.39 16.27
C PRO A 168 -14.54 0.40 16.52
N ASP A 169 -14.62 1.72 16.44
CA ASP A 169 -13.46 2.57 16.66
C ASP A 169 -13.10 2.69 18.14
N LEU A 170 -11.80 2.68 18.41
CA LEU A 170 -11.27 2.79 19.76
C LEU A 170 -11.26 4.25 20.22
N ASN A 171 -11.47 4.44 21.52
CA ASN A 171 -11.52 5.77 22.10
C ASN A 171 -10.14 6.25 22.54
N TRP A 172 -9.39 6.78 21.59
CA TRP A 172 -8.06 7.29 21.87
C TRP A 172 -8.06 8.41 22.91
N ASP A 173 -9.20 9.08 23.09
CA ASP A 173 -9.28 10.14 24.09
C ASP A 173 -9.19 9.58 25.50
N ASN A 174 -9.40 8.26 25.63
CA ASN A 174 -9.31 7.58 26.92
C ASN A 174 -7.85 7.15 27.17
N PRO A 175 -7.21 7.70 28.20
CA PRO A 175 -5.81 7.37 28.52
C PRO A 175 -5.55 5.89 28.68
N LYS A 176 -6.48 5.20 29.33
CA LYS A 176 -6.31 3.78 29.55
C LYS A 176 -6.21 3.07 28.21
N VAL A 177 -6.96 3.53 27.21
CA VAL A 177 -6.90 2.91 25.88
C VAL A 177 -5.49 3.03 25.28
N ARG A 178 -4.94 4.25 25.31
CA ARG A 178 -3.61 4.46 24.76
C ARG A 178 -2.61 3.56 25.47
N GLN A 179 -2.67 3.53 26.80
CA GLN A 179 -1.74 2.69 27.56
C GLN A 179 -1.83 1.22 27.19
N ASP A 180 -3.04 0.70 27.00
CA ASP A 180 -3.18 -0.70 26.64
C ASP A 180 -2.64 -0.94 25.23
N LEU A 181 -2.79 0.06 24.38
CA LEU A 181 -2.30 -0.07 23.01
C LEU A 181 -0.78 -0.05 23.02
N TYR A 182 -0.19 0.80 23.84
CA TYR A 182 1.26 0.88 23.91
C TYR A 182 1.82 -0.45 24.42
N ALA A 183 1.15 -1.04 25.40
CA ALA A 183 1.59 -2.32 25.96
C ALA A 183 1.53 -3.41 24.87
N MET A 184 0.49 -3.37 24.06
CA MET A 184 0.35 -4.34 22.98
C MET A 184 1.50 -4.14 21.96
N LEU A 185 1.86 -2.89 21.71
CA LEU A 185 2.93 -2.66 20.75
C LEU A 185 4.26 -3.20 21.26
N ARG A 186 4.52 -3.04 22.57
CA ARG A 186 5.78 -3.51 23.15
C ARG A 186 5.85 -5.03 23.09
N PHE A 187 4.70 -5.68 23.17
CA PHE A 187 4.63 -7.15 23.11
C PHE A 187 5.20 -7.62 21.79
N TRP A 188 4.85 -6.94 20.71
CA TRP A 188 5.34 -7.35 19.39
C TRP A 188 6.75 -6.85 19.11
N LEU A 189 7.06 -5.65 19.58
CA LEU A 189 8.38 -5.08 19.36
C LEU A 189 9.45 -5.88 20.10
N ASP A 190 9.12 -6.42 21.26
CA ASP A 190 10.10 -7.20 22.03
C ASP A 190 10.42 -8.54 21.38
N LYS A 191 9.69 -8.90 20.33
CA LYS A 191 9.96 -10.15 19.64
C LYS A 191 10.96 -9.88 18.52
N GLY A 192 11.38 -8.63 18.40
CA GLY A 192 12.34 -8.30 17.36
C GLY A 192 11.83 -7.83 16.01
N VAL A 193 10.58 -7.36 15.93
N VAL A 193 10.61 -7.31 15.97
CA VAL A 193 10.11 -6.88 14.63
CA VAL A 193 10.03 -6.78 14.73
C VAL A 193 10.84 -5.59 14.37
C VAL A 193 10.80 -5.52 14.38
N SER A 194 11.18 -5.36 13.11
CA SER A 194 11.93 -4.16 12.73
C SER A 194 11.16 -2.93 12.27
N GLY A 195 9.86 -3.09 12.04
CA GLY A 195 9.09 -1.94 11.59
C GLY A 195 7.61 -2.08 11.85
N LEU A 196 6.91 -0.96 11.82
CA LEU A 196 5.48 -0.93 12.04
C LEU A 196 4.82 -0.08 10.99
N ARG A 197 3.77 -0.60 10.38
CA ARG A 197 3.01 0.14 9.38
C ARG A 197 1.65 0.42 10.01
N PHE A 198 1.36 1.69 10.25
CA PHE A 198 0.11 2.07 10.90
C PHE A 198 -1.07 2.28 9.98
N ASP A 199 -2.07 1.41 10.11
CA ASP A 199 -3.31 1.44 9.32
C ASP A 199 -4.19 2.66 9.67
N THR A 200 -4.61 3.40 8.64
CA THR A 200 -5.41 4.63 8.78
C THR A 200 -5.04 5.34 10.07
N VAL A 201 -3.77 5.70 10.14
CA VAL A 201 -3.19 6.35 11.31
C VAL A 201 -3.70 7.76 11.63
N ALA A 202 -4.30 8.45 10.66
CA ALA A 202 -4.77 9.82 10.88
C ALA A 202 -6.22 10.00 11.39
N THR A 203 -6.92 8.91 11.67
CA THR A 203 -8.31 8.99 12.15
C THR A 203 -8.52 8.62 13.63
N TYR A 204 -7.43 8.45 14.38
CA TYR A 204 -7.47 8.10 15.80
C TYR A 204 -8.19 9.14 16.64
N SER A 205 -7.99 10.41 16.30
CA SER A 205 -8.63 11.48 17.05
C SER A 205 -9.97 11.88 16.45
N LYS A 206 -11.03 11.70 17.23
CA LYS A 206 -12.39 12.03 16.77
C LYS A 206 -12.74 13.51 16.97
N ILE A 207 -13.80 13.97 16.32
CA ILE A 207 -14.20 15.37 16.46
C ILE A 207 -15.04 15.60 17.72
N PRO A 208 -14.60 16.53 18.58
CA PRO A 208 -15.35 16.81 19.82
C PRO A 208 -16.85 17.03 19.57
N ASP A 209 -17.67 16.34 20.36
CA ASP A 209 -19.12 16.47 20.29
C ASP A 209 -19.80 15.97 19.02
N PHE A 210 -19.03 15.28 18.17
CA PHE A 210 -19.58 14.69 16.95
C PHE A 210 -20.65 15.48 16.20
N PRO A 211 -20.36 16.72 15.83
CA PRO A 211 -21.34 17.51 15.10
C PRO A 211 -21.56 16.99 13.67
N ASN A 212 -22.77 17.16 13.15
CA ASN A 212 -23.13 16.74 11.80
C ASN A 212 -22.16 17.31 10.77
N LEU A 213 -22.01 16.61 9.66
CA LEU A 213 -21.16 17.07 8.58
C LEU A 213 -22.01 17.89 7.61
N THR A 214 -21.45 18.95 7.03
CA THR A 214 -22.24 19.75 6.11
C THR A 214 -22.55 18.95 4.85
N GLN A 215 -23.46 19.48 4.05
CA GLN A 215 -23.85 18.81 2.82
C GLN A 215 -22.61 18.60 1.95
N GLN A 216 -21.76 19.62 1.92
CA GLN A 216 -20.53 19.61 1.14
C GLN A 216 -19.48 18.65 1.71
N GLN A 217 -19.39 18.58 3.03
CA GLN A 217 -18.43 17.70 3.69
C GLN A 217 -18.75 16.24 3.42
N LEU A 218 -20.04 15.98 3.24
CA LEU A 218 -20.53 14.64 2.96
C LEU A 218 -19.98 14.07 1.65
N LYS A 219 -19.51 14.95 0.76
CA LYS A 219 -18.98 14.52 -0.52
C LYS A 219 -17.49 14.23 -0.44
N ASN A 220 -16.92 14.41 0.75
CA ASN A 220 -15.48 14.19 0.97
C ASN A 220 -15.30 14.13 2.48
N PHE A 221 -16.00 13.18 3.11
CA PHE A 221 -15.94 13.06 4.56
C PHE A 221 -14.65 12.53 5.18
N ALA A 222 -13.86 11.76 4.46
CA ALA A 222 -12.62 11.24 5.05
C ALA A 222 -11.80 12.43 5.50
N ALA A 223 -11.82 13.49 4.69
CA ALA A 223 -11.07 14.70 5.01
C ALA A 223 -11.53 15.32 6.33
N GLU A 224 -12.80 15.14 6.68
CA GLU A 224 -13.28 15.70 7.94
C GLU A 224 -12.84 14.84 9.12
N TYR A 225 -12.79 13.51 8.91
CA TYR A 225 -12.38 12.59 9.97
C TYR A 225 -10.91 12.77 10.36
N THR A 226 -10.07 13.30 9.47
CA THR A 226 -8.68 13.46 9.84
C THR A 226 -8.35 14.76 10.56
N LYS A 227 -9.39 15.52 10.91
CA LYS A 227 -9.19 16.79 11.60
C LYS A 227 -9.29 16.71 13.13
N GLY A 228 -9.09 15.51 13.69
CA GLY A 228 -9.13 15.36 15.13
C GLY A 228 -8.15 16.32 15.77
N PRO A 229 -8.56 17.08 16.80
CA PRO A 229 -7.70 18.06 17.49
C PRO A 229 -6.54 17.50 18.29
N ASN A 230 -6.42 16.18 18.34
CA ASN A 230 -5.36 15.56 19.14
C ASN A 230 -4.56 14.48 18.42
N ILE A 231 -4.74 14.37 17.11
CA ILE A 231 -4.04 13.32 16.40
C ILE A 231 -2.51 13.36 16.56
N HIS A 232 -1.90 14.54 16.43
CA HIS A 232 -0.46 14.60 16.56
C HIS A 232 0.03 14.46 17.99
N ARG A 233 -0.77 14.97 18.93
CA ARG A 233 -0.42 14.83 20.33
C ARG A 233 -0.33 13.32 20.60
N TYR A 234 -1.26 12.56 20.04
CA TYR A 234 -1.29 11.12 20.25
C TYR A 234 -0.15 10.36 19.55
N VAL A 235 0.07 10.63 18.27
CA VAL A 235 1.14 9.96 17.54
C VAL A 235 2.47 10.29 18.19
N ASN A 236 2.67 11.53 18.59
CA ASN A 236 3.93 11.87 19.23
C ASN A 236 4.03 11.20 20.60
N GLU A 237 2.92 11.12 21.33
CA GLU A 237 2.95 10.45 22.64
C GLU A 237 3.36 8.99 22.45
N MET A 238 2.85 8.37 21.39
CA MET A 238 3.17 6.98 21.12
C MET A 238 4.66 6.86 20.80
N ASN A 239 5.21 7.90 20.18
CA ASN A 239 6.64 7.93 19.82
C ASN A 239 7.47 7.98 21.12
N LYS A 240 7.13 8.91 22.00
CA LYS A 240 7.83 9.08 23.27
C LYS A 240 7.76 7.85 24.16
N GLU A 241 6.58 7.29 24.30
CA GLU A 241 6.41 6.14 25.19
C GLU A 241 6.77 4.78 24.61
N VAL A 242 6.75 4.64 23.29
CA VAL A 242 7.08 3.36 22.67
C VAL A 242 8.09 3.40 21.52
N LEU A 243 7.69 4.03 20.42
CA LEU A 243 8.52 4.05 19.22
C LEU A 243 9.98 4.41 19.41
N SER A 244 10.24 5.44 20.20
CA SER A 244 11.60 5.91 20.42
C SER A 244 12.50 4.95 21.18
N HIS A 245 11.91 3.95 21.82
CA HIS A 245 12.67 2.97 22.58
C HIS A 245 13.21 1.78 21.79
N TYR A 246 12.98 1.78 20.48
CA TYR A 246 13.47 0.68 19.64
C TYR A 246 14.06 1.25 18.37
N ASP A 247 14.96 0.50 17.73
CA ASP A 247 15.53 0.94 16.46
C ASP A 247 14.66 0.35 15.36
N ILE A 248 13.60 1.07 15.00
CA ILE A 248 12.65 0.59 13.99
C ILE A 248 12.28 1.63 12.92
N ALA A 249 11.56 1.18 11.91
CA ALA A 249 11.07 2.05 10.85
C ALA A 249 9.56 2.06 11.01
N THR A 250 8.95 3.24 10.92
CA THR A 250 7.49 3.33 11.02
C THR A 250 6.91 4.00 9.78
N ALA A 251 5.87 3.39 9.21
CA ALA A 251 5.20 3.94 8.05
C ALA A 251 3.80 4.34 8.48
N GLY A 252 3.31 5.46 7.97
CA GLY A 252 1.98 5.90 8.33
C GLY A 252 1.03 5.96 7.14
N GLU A 253 -0.05 5.17 7.18
CA GLU A 253 -1.03 5.19 6.11
C GLU A 253 -1.96 6.37 6.39
N ILE A 254 -1.61 7.55 5.89
CA ILE A 254 -2.42 8.74 6.13
C ILE A 254 -3.61 8.91 5.16
N PHE A 255 -4.57 8.01 5.34
CA PHE A 255 -5.80 7.99 4.55
C PHE A 255 -6.65 9.21 4.92
N GLY A 256 -7.13 9.93 3.90
CA GLY A 256 -7.95 11.09 4.13
C GLY A 256 -7.20 12.39 4.35
N VAL A 257 -5.88 12.30 4.49
CA VAL A 257 -5.10 13.51 4.76
C VAL A 257 -4.65 14.26 3.53
N PRO A 258 -4.94 15.56 3.47
CA PRO A 258 -4.51 16.36 2.31
C PRO A 258 -2.99 16.49 2.33
N LEU A 259 -2.38 16.47 1.15
CA LEU A 259 -0.93 16.51 1.05
C LEU A 259 -0.26 17.63 1.85
N ASP A 260 -0.89 18.79 1.94
CA ASP A 260 -0.30 19.89 2.70
C ASP A 260 -0.15 19.61 4.20
N GLN A 261 -1.02 18.74 4.72
CA GLN A 261 -1.02 18.37 6.13
C GLN A 261 -0.19 17.12 6.42
N SER A 262 0.26 16.44 5.37
CA SER A 262 1.04 15.23 5.54
C SER A 262 2.38 15.38 6.29
N ILE A 263 3.12 16.44 6.01
CA ILE A 263 4.43 16.65 6.63
C ILE A 263 4.45 16.62 8.15
N LYS A 264 3.34 16.99 8.79
CA LYS A 264 3.30 16.99 10.25
C LYS A 264 3.45 15.58 10.83
N PHE A 265 3.18 14.56 10.01
CA PHE A 265 3.32 13.20 10.53
C PHE A 265 4.73 12.67 10.31
N PHE A 266 5.43 13.21 9.33
CA PHE A 266 6.74 12.66 9.00
C PHE A 266 7.99 13.53 9.15
N ASP A 267 7.81 14.81 9.47
CA ASP A 267 8.95 15.73 9.70
C ASP A 267 9.79 15.04 10.78
N ARG A 268 11.06 14.74 10.50
CA ARG A 268 11.88 14.05 11.50
C ARG A 268 12.06 14.82 12.80
N ARG A 269 11.92 16.13 12.74
CA ARG A 269 12.05 16.98 13.93
C ARG A 269 10.83 16.84 14.85
N ARG A 270 9.68 16.41 14.32
CA ARG A 270 8.45 16.29 15.12
C ARG A 270 8.31 15.02 15.96
N ASP A 271 9.23 14.08 15.76
CA ASP A 271 9.17 12.83 16.51
C ASP A 271 7.80 12.17 16.44
N GLU A 272 7.36 11.90 15.22
CA GLU A 272 6.08 11.22 15.01
C GLU A 272 6.39 9.94 14.22
N LEU A 273 6.21 9.94 12.90
CA LEU A 273 6.49 8.74 12.11
C LEU A 273 7.65 8.96 11.11
N ASN A 274 8.12 7.88 10.49
CA ASN A 274 9.24 7.92 9.52
C ASN A 274 8.89 8.00 8.03
N ILE A 275 8.08 7.04 7.57
CA ILE A 275 7.74 6.93 6.15
C ILE A 275 6.29 7.26 5.78
N ALA A 276 6.09 8.18 4.84
CA ALA A 276 4.74 8.52 4.47
C ALA A 276 4.13 7.65 3.37
N PHE A 277 2.94 7.13 3.66
CA PHE A 277 2.15 6.37 2.68
C PHE A 277 1.02 7.34 2.28
N THR A 278 1.16 7.99 1.13
CA THR A 278 0.11 8.91 0.68
C THR A 278 -0.77 8.24 -0.39
N PHE A 279 -1.95 8.81 -0.63
CA PHE A 279 -2.87 8.29 -1.64
C PHE A 279 -2.94 9.17 -2.89
N ASP A 280 -2.30 10.34 -2.84
CA ASP A 280 -2.37 11.25 -3.98
C ASP A 280 -2.07 10.64 -5.34
N LEU A 281 -1.01 9.88 -5.44
CA LEU A 281 -0.67 9.27 -6.72
C LEU A 281 -1.45 7.99 -6.99
N ILE A 282 -1.41 7.05 -6.05
CA ILE A 282 -2.08 5.80 -6.30
C ILE A 282 -3.59 5.89 -6.59
N ARG A 283 -4.24 6.97 -6.19
CA ARG A 283 -5.67 7.14 -6.46
C ARG A 283 -5.95 8.48 -7.12
N LEU A 284 -5.03 8.90 -7.98
N LEU A 284 -5.02 8.91 -7.97
CA LEU A 284 -5.15 10.16 -8.68
CA LEU A 284 -5.16 10.18 -8.68
C LEU A 284 -6.37 10.23 -9.59
C LEU A 284 -6.38 10.24 -9.60
N ASP A 285 -6.79 9.08 -10.12
CA ASP A 285 -7.92 9.01 -11.02
C ASP A 285 -9.20 8.50 -10.37
N ARG A 286 -9.31 8.67 -9.06
N ARG A 286 -9.31 8.65 -9.05
CA ARG A 286 -10.47 8.20 -8.32
CA ARG A 286 -10.49 8.17 -8.33
C ARG A 286 -11.36 9.37 -7.91
C ARG A 286 -11.35 9.36 -7.92
N ASP A 287 -12.66 9.23 -8.10
CA ASP A 287 -13.60 10.32 -7.72
C ASP A 287 -13.55 10.41 -6.20
N SER A 288 -13.58 11.64 -5.65
CA SER A 288 -13.51 11.79 -4.21
C SER A 288 -14.85 11.57 -3.48
N ASP A 289 -15.95 11.68 -4.22
CA ASP A 289 -17.29 11.52 -3.67
C ASP A 289 -17.72 10.06 -3.88
N GLN A 290 -17.85 9.63 -5.14
CA GLN A 290 -18.20 8.23 -5.40
C GLN A 290 -16.85 7.54 -5.49
N ARG A 291 -16.32 7.18 -4.32
CA ARG A 291 -14.98 6.59 -4.20
C ARG A 291 -14.67 5.27 -4.89
N TRP A 292 -15.67 4.69 -5.56
CA TRP A 292 -15.50 3.45 -6.30
C TRP A 292 -15.29 3.71 -7.79
N ARG A 293 -15.58 4.93 -8.22
CA ARG A 293 -15.52 5.33 -9.63
C ARG A 293 -14.19 5.94 -10.05
N ARG A 294 -13.75 5.62 -11.26
CA ARG A 294 -12.52 6.13 -11.79
C ARG A 294 -12.76 7.04 -12.98
N LYS A 295 -11.76 7.86 -13.32
CA LYS A 295 -11.86 8.77 -14.45
C LYS A 295 -10.52 8.80 -15.17
N ASP A 296 -10.50 9.35 -16.38
CA ASP A 296 -9.25 9.38 -17.14
C ASP A 296 -8.22 10.30 -16.52
N TRP A 297 -6.96 10.00 -16.79
CA TRP A 297 -5.85 10.79 -16.27
C TRP A 297 -4.77 10.84 -17.33
N LYS A 298 -3.86 11.80 -17.19
CA LYS A 298 -2.74 11.98 -18.12
C LYS A 298 -1.42 11.97 -17.39
N LEU A 299 -0.36 11.61 -18.11
CA LEU A 299 0.96 11.55 -17.52
C LEU A 299 1.30 12.86 -16.83
N SER A 300 0.98 13.99 -17.47
CA SER A 300 1.29 15.28 -16.85
C SER A 300 0.70 15.34 -15.45
N GLN A 301 -0.49 14.77 -15.26
CA GLN A 301 -1.13 14.80 -13.94
C GLN A 301 -0.38 13.88 -12.98
N PHE A 302 -0.02 12.70 -13.47
CA PHE A 302 0.73 11.68 -12.70
C PHE A 302 2.06 12.27 -12.19
N ARG A 303 2.87 12.79 -13.11
CA ARG A 303 4.18 13.34 -12.72
C ARG A 303 4.05 14.60 -11.87
N GLN A 304 3.01 15.41 -12.07
CA GLN A 304 2.84 16.61 -11.26
C GLN A 304 2.53 16.23 -9.81
N ILE A 305 1.86 15.10 -9.61
CA ILE A 305 1.58 14.68 -8.25
C ILE A 305 2.86 14.18 -7.59
N ILE A 306 3.66 13.40 -8.33
CA ILE A 306 4.93 12.90 -7.79
C ILE A 306 5.79 14.09 -7.36
N ASP A 307 5.86 15.12 -8.18
CA ASP A 307 6.68 16.28 -7.83
C ASP A 307 6.17 16.97 -6.54
N ASN A 308 4.86 17.14 -6.42
CA ASN A 308 4.27 17.75 -5.23
C ASN A 308 4.54 16.90 -3.97
N VAL A 309 4.43 15.58 -4.13
CA VAL A 309 4.64 14.65 -3.03
C VAL A 309 6.10 14.72 -2.60
N ASP A 310 6.98 14.84 -3.59
CA ASP A 310 8.42 14.94 -3.34
C ASP A 310 8.78 16.24 -2.63
N ARG A 311 8.26 17.36 -3.11
CA ARG A 311 8.55 18.66 -2.50
C ARG A 311 7.95 18.78 -1.11
N THR A 312 6.81 18.14 -0.88
CA THR A 312 6.17 18.21 0.43
C THR A 312 6.97 17.45 1.47
N ALA A 313 7.58 16.33 1.06
CA ALA A 313 8.41 15.57 1.98
C ALA A 313 9.61 16.48 2.26
N GLY A 314 10.16 17.02 1.19
CA GLY A 314 11.27 17.95 1.29
C GLY A 314 12.52 17.51 2.02
N GLU A 315 13.05 18.38 2.87
CA GLU A 315 14.27 18.08 3.60
C GLU A 315 14.10 17.25 4.89
N TYR A 316 12.97 17.41 5.59
CA TYR A 316 12.81 16.70 6.85
C TYR A 316 11.88 15.48 6.88
N GLY A 317 11.12 15.29 5.81
CA GLY A 317 10.23 14.15 5.77
C GLY A 317 10.78 13.08 4.85
N TRP A 318 9.99 12.04 4.59
CA TRP A 318 10.41 10.96 3.72
C TRP A 318 9.18 10.22 3.17
N ASN A 319 9.25 9.82 1.89
CA ASN A 319 8.15 9.11 1.22
C ASN A 319 8.43 7.64 0.91
N ALA A 320 7.34 6.88 0.81
CA ALA A 320 7.36 5.48 0.40
C ALA A 320 6.86 5.69 -1.01
N PHE A 321 7.17 4.78 -1.93
CA PHE A 321 6.67 4.92 -3.30
C PHE A 321 6.19 3.56 -3.75
N PHE A 322 4.95 3.50 -4.21
CA PHE A 322 4.40 2.24 -4.69
C PHE A 322 3.28 2.58 -5.64
N LEU A 323 2.99 1.68 -6.58
CA LEU A 323 1.92 1.90 -7.55
C LEU A 323 0.74 0.95 -7.35
N ASP A 324 0.87 0.06 -6.38
CA ASP A 324 -0.20 -0.87 -6.03
C ASP A 324 0.07 -1.48 -4.66
N ASN A 325 -0.91 -2.19 -4.13
CA ASN A 325 -0.84 -2.88 -2.84
C ASN A 325 -2.16 -3.63 -2.65
N HIS A 326 -2.45 -4.12 -1.45
CA HIS A 326 -3.69 -4.89 -1.25
C HIS A 326 -4.97 -4.07 -1.26
N ASP A 327 -4.86 -2.75 -1.35
CA ASP A 327 -6.07 -1.91 -1.35
C ASP A 327 -6.28 -1.25 -2.70
N ASN A 328 -5.58 -1.70 -3.73
CA ASN A 328 -5.70 -1.07 -5.02
C ASN A 328 -5.52 -2.04 -6.18
N PRO A 329 -5.88 -1.61 -7.40
CA PRO A 329 -5.72 -2.51 -8.54
C PRO A 329 -4.23 -2.72 -8.85
N ARG A 330 -3.92 -3.72 -9.69
CA ARG A 330 -2.52 -4.03 -10.02
C ARG A 330 -1.86 -2.91 -10.80
N ALA A 331 -0.59 -2.65 -10.50
CA ALA A 331 0.16 -1.59 -11.15
C ALA A 331 0.19 -1.68 -12.67
N VAL A 332 0.53 -2.84 -13.20
CA VAL A 332 0.60 -2.95 -14.65
C VAL A 332 -0.75 -2.64 -15.32
N SER A 333 -1.85 -3.04 -14.69
CA SER A 333 -3.18 -2.78 -15.25
C SER A 333 -3.58 -1.32 -15.09
N HIS A 334 -3.32 -0.79 -13.89
CA HIS A 334 -3.70 0.59 -13.54
C HIS A 334 -2.82 1.63 -14.25
N PHE A 335 -1.51 1.53 -14.08
CA PHE A 335 -0.60 2.51 -14.67
C PHE A 335 0.14 2.11 -15.95
N GLY A 336 0.11 0.82 -16.29
CA GLY A 336 0.75 0.39 -17.52
C GLY A 336 -0.29 -0.06 -18.53
N ASP A 337 0.02 -1.09 -19.30
CA ASP A 337 -0.94 -1.61 -20.26
C ASP A 337 -0.86 -3.12 -20.13
N ASP A 338 -1.92 -3.72 -19.59
CA ASP A 338 -1.89 -5.17 -19.37
C ASP A 338 -2.27 -6.05 -20.54
N ARG A 339 -2.43 -5.47 -21.73
CA ARG A 339 -2.76 -6.31 -22.85
C ARG A 339 -1.50 -7.13 -23.17
N PRO A 340 -1.68 -8.33 -23.74
CA PRO A 340 -0.58 -9.22 -24.08
C PRO A 340 0.65 -8.57 -24.74
N GLN A 341 0.41 -7.67 -25.69
CA GLN A 341 1.53 -7.03 -26.38
C GLN A 341 2.32 -6.00 -25.55
N TRP A 342 1.71 -5.46 -24.50
CA TRP A 342 2.39 -4.42 -23.73
C TRP A 342 2.67 -4.68 -22.27
N ARG A 343 2.09 -5.75 -21.74
CA ARG A 343 2.25 -6.10 -20.34
C ARG A 343 3.69 -6.18 -19.82
N GLU A 344 4.55 -6.98 -20.45
CA GLU A 344 5.93 -7.08 -19.96
C GLU A 344 6.72 -5.78 -20.11
N PRO A 345 6.68 -5.15 -21.30
CA PRO A 345 7.45 -3.89 -21.36
C PRO A 345 6.92 -2.78 -20.43
N SER A 346 5.61 -2.61 -20.35
CA SER A 346 5.07 -1.55 -19.48
C SER A 346 5.37 -1.91 -18.01
N ALA A 347 5.37 -3.21 -17.70
CA ALA A 347 5.65 -3.69 -16.35
C ALA A 347 7.08 -3.33 -15.96
N LYS A 348 8.00 -3.51 -16.89
CA LYS A 348 9.40 -3.20 -16.67
C LYS A 348 9.58 -1.71 -16.50
N ALA A 349 8.78 -0.94 -17.23
CA ALA A 349 8.86 0.51 -17.15
C ALA A 349 8.42 0.96 -15.74
N LEU A 350 7.34 0.39 -15.22
CA LEU A 350 6.89 0.79 -13.88
C LEU A 350 7.93 0.37 -12.84
N ALA A 351 8.60 -0.76 -13.10
CA ALA A 351 9.63 -1.25 -12.22
C ALA A 351 10.74 -0.21 -12.14
N THR A 352 11.14 0.30 -13.29
CA THR A 352 12.20 1.32 -13.35
C THR A 352 11.83 2.54 -12.52
N LEU A 353 10.61 3.04 -12.68
CA LEU A 353 10.14 4.21 -11.91
C LEU A 353 10.20 3.93 -10.42
N THR A 354 9.63 2.80 -10.05
CA THR A 354 9.55 2.41 -8.66
C THR A 354 10.86 2.34 -7.89
N LEU A 355 11.89 1.78 -8.50
N LEU A 355 11.90 1.78 -8.49
CA LEU A 355 13.17 1.66 -7.82
CA LEU A 355 13.18 1.66 -7.80
C LEU A 355 14.11 2.84 -7.97
C LEU A 355 14.08 2.88 -7.90
N THR A 356 13.66 3.87 -8.68
CA THR A 356 14.49 5.07 -8.86
C THR A 356 13.90 6.39 -8.39
N GLN A 357 12.94 6.32 -7.46
CA GLN A 357 12.32 7.51 -6.89
C GLN A 357 13.06 7.88 -5.61
N ARG A 358 12.96 9.13 -5.19
CA ARG A 358 13.61 9.56 -3.96
C ARG A 358 12.64 9.16 -2.85
N ALA A 359 12.62 7.87 -2.55
CA ALA A 359 11.70 7.34 -1.55
C ALA A 359 11.99 5.86 -1.31
N THR A 360 11.35 5.28 -0.31
CA THR A 360 11.53 3.86 -0.01
C THR A 360 10.57 3.14 -0.95
N PRO A 361 11.10 2.29 -1.84
CA PRO A 361 10.15 1.63 -2.72
C PRO A 361 9.51 0.43 -2.06
N PHE A 362 8.23 0.21 -2.34
CA PHE A 362 7.52 -0.94 -1.80
C PHE A 362 6.98 -1.74 -2.99
N ILE A 363 7.39 -3.00 -3.09
CA ILE A 363 6.96 -3.89 -4.15
C ILE A 363 5.87 -4.82 -3.61
N TYR A 364 4.72 -4.89 -4.28
CA TYR A 364 3.61 -5.73 -3.82
C TYR A 364 3.70 -7.13 -4.44
N GLN A 365 3.56 -8.16 -3.62
CA GLN A 365 3.68 -9.54 -4.11
C GLN A 365 3.01 -9.78 -5.46
N GLY A 366 3.75 -10.40 -6.38
CA GLY A 366 3.19 -10.72 -7.69
C GLY A 366 3.42 -9.65 -8.73
N SER A 367 3.60 -8.40 -8.30
CA SER A 367 3.82 -7.34 -9.29
C SER A 367 5.22 -7.43 -9.91
N GLU A 368 6.10 -8.21 -9.30
CA GLU A 368 7.44 -8.41 -9.82
C GLU A 368 7.33 -9.43 -10.97
N LEU A 369 6.14 -10.00 -11.17
CA LEU A 369 5.91 -10.97 -12.26
C LEU A 369 5.04 -10.32 -13.34
N GLY A 370 4.50 -9.14 -13.02
CA GLY A 370 3.62 -8.47 -13.95
C GLY A 370 2.21 -9.07 -13.83
N MET A 371 1.83 -9.52 -12.62
CA MET A 371 0.47 -10.03 -12.45
C MET A 371 -0.49 -8.88 -12.74
N THR A 372 -1.69 -9.21 -13.20
CA THR A 372 -2.68 -8.21 -13.59
C THR A 372 -3.97 -8.28 -12.77
N ASN A 373 -4.87 -7.36 -13.09
CA ASN A 373 -6.19 -7.33 -12.47
C ASN A 373 -6.84 -8.67 -12.86
N TYR A 374 -7.86 -9.08 -12.10
CA TYR A 374 -8.57 -10.32 -12.35
C TYR A 374 -9.87 -9.96 -13.11
N PRO A 375 -10.23 -10.77 -14.13
CA PRO A 375 -11.44 -10.50 -14.92
C PRO A 375 -12.78 -10.80 -14.25
N PHE A 376 -13.14 -10.03 -13.22
CA PHE A 376 -14.41 -10.23 -12.53
C PHE A 376 -15.56 -9.93 -13.45
N LYS A 377 -16.59 -10.78 -13.41
CA LYS A 377 -17.77 -10.58 -14.24
C LYS A 377 -18.96 -10.11 -13.42
N ALA A 378 -19.55 -11.05 -12.68
CA ALA A 378 -20.72 -10.79 -11.87
C ALA A 378 -20.32 -10.23 -10.51
N ILE A 379 -21.23 -9.49 -9.88
CA ILE A 379 -20.94 -8.91 -8.57
C ILE A 379 -20.58 -9.96 -7.52
N ASP A 380 -21.16 -11.15 -7.63
CA ASP A 380 -20.88 -12.18 -6.63
C ASP A 380 -19.49 -12.81 -6.73
N GLU A 381 -18.66 -12.32 -7.65
CA GLU A 381 -17.32 -12.85 -7.80
C GLU A 381 -16.32 -12.12 -6.90
N PHE A 382 -16.74 -10.98 -6.37
CA PHE A 382 -15.87 -10.21 -5.49
C PHE A 382 -15.99 -10.72 -4.06
N ASP A 383 -14.93 -10.59 -3.29
CA ASP A 383 -14.94 -11.03 -1.90
C ASP A 383 -14.97 -9.82 -0.96
N ASP A 384 -14.34 -8.73 -1.38
CA ASP A 384 -14.21 -7.53 -0.55
C ASP A 384 -15.47 -6.89 0.03
N ILE A 385 -15.46 -6.77 1.36
CA ILE A 385 -16.57 -6.14 2.08
C ILE A 385 -16.73 -4.69 1.60
N GLU A 386 -15.65 -4.03 1.21
CA GLU A 386 -15.80 -2.65 0.74
C GLU A 386 -16.63 -2.57 -0.54
N VAL A 387 -16.37 -3.51 -1.45
N VAL A 387 -16.38 -3.47 -1.48
CA VAL A 387 -17.09 -3.59 -2.72
CA VAL A 387 -17.15 -3.42 -2.73
C VAL A 387 -18.58 -3.78 -2.49
C VAL A 387 -18.63 -3.75 -2.49
N LYS A 388 -18.91 -4.62 -1.51
CA LYS A 388 -20.29 -4.93 -1.17
C LYS A 388 -20.96 -3.68 -0.61
N GLY A 389 -20.22 -2.92 0.18
CA GLY A 389 -20.75 -1.69 0.76
C GLY A 389 -21.14 -0.69 -0.31
N PHE A 390 -20.26 -0.49 -1.29
CA PHE A 390 -20.51 0.43 -2.42
C PHE A 390 -21.70 -0.07 -3.24
N TRP A 391 -21.74 -1.37 -3.49
CA TRP A 391 -22.83 -1.96 -4.26
C TRP A 391 -24.16 -1.64 -3.58
N HIS A 392 -24.22 -1.83 -2.27
CA HIS A 392 -25.47 -1.53 -1.59
C HIS A 392 -25.87 -0.05 -1.65
N ASP A 393 -24.94 0.82 -1.27
CA ASP A 393 -25.20 2.26 -1.25
C ASP A 393 -25.49 2.89 -2.60
N TYR A 394 -24.94 2.32 -3.67
CA TYR A 394 -25.10 2.92 -4.99
C TYR A 394 -25.92 2.19 -6.04
N VAL A 395 -25.92 0.87 -5.99
CA VAL A 395 -26.66 0.07 -6.97
C VAL A 395 -28.01 -0.38 -6.45
N GLU A 396 -28.04 -0.96 -5.26
CA GLU A 396 -29.28 -1.46 -4.69
C GLU A 396 -30.27 -0.35 -4.36
N THR A 397 -29.78 0.89 -4.30
CA THR A 397 -30.61 2.07 -4.04
C THR A 397 -31.08 2.63 -5.38
N GLY A 398 -30.56 2.08 -6.46
CA GLY A 398 -30.92 2.54 -7.79
C GLY A 398 -30.23 3.83 -8.20
N LYS A 399 -29.20 4.25 -7.45
CA LYS A 399 -28.49 5.50 -7.81
C LYS A 399 -27.66 5.35 -9.08
N VAL A 400 -27.02 4.19 -9.22
CA VAL A 400 -26.16 3.90 -10.36
C VAL A 400 -26.53 2.53 -10.92
N LYS A 401 -26.50 2.41 -12.25
CA LYS A 401 -26.80 1.16 -12.93
C LYS A 401 -25.75 0.10 -12.61
N ALA A 402 -26.17 -1.15 -12.48
CA ALA A 402 -25.22 -2.23 -12.18
C ALA A 402 -24.08 -2.33 -13.21
N ASP A 403 -24.39 -2.23 -14.50
CA ASP A 403 -23.31 -2.34 -15.50
C ASP A 403 -22.24 -1.27 -15.37
N GLU A 404 -22.63 -0.02 -15.19
CA GLU A 404 -21.65 1.06 -15.01
C GLU A 404 -20.85 0.87 -13.72
N PHE A 405 -21.51 0.39 -12.65
CA PHE A 405 -20.83 0.16 -11.39
C PHE A 405 -19.72 -0.88 -11.62
N LEU A 406 -20.11 -2.02 -12.18
CA LEU A 406 -19.19 -3.11 -12.45
C LEU A 406 -18.03 -2.69 -13.36
N GLN A 407 -18.32 -1.88 -14.37
CA GLN A 407 -17.29 -1.40 -15.28
C GLN A 407 -16.20 -0.69 -14.47
N ASN A 408 -16.62 0.03 -13.44
CA ASN A 408 -15.68 0.78 -12.63
C ASN A 408 -14.94 -0.01 -11.58
N VAL A 409 -15.67 -0.85 -10.84
CA VAL A 409 -15.02 -1.63 -9.78
C VAL A 409 -14.10 -2.70 -10.34
N ARG A 410 -14.31 -3.08 -11.59
CA ARG A 410 -13.41 -4.05 -12.22
C ARG A 410 -12.03 -3.36 -12.30
N LEU A 411 -12.05 -2.04 -12.44
CA LEU A 411 -10.84 -1.23 -12.54
C LEU A 411 -10.31 -0.69 -11.21
N THR A 412 -11.18 -0.58 -10.21
CA THR A 412 -10.74 -0.01 -8.93
C THR A 412 -10.76 -0.93 -7.71
N SER A 413 -11.35 -2.11 -7.83
CA SER A 413 -11.44 -2.99 -6.67
C SER A 413 -10.16 -3.47 -6.04
N ARG A 414 -10.16 -3.50 -4.71
CA ARG A 414 -9.02 -3.98 -3.95
C ARG A 414 -8.78 -5.45 -4.25
N ASP A 415 -9.84 -6.17 -4.59
CA ASP A 415 -9.74 -7.61 -4.88
C ASP A 415 -8.82 -7.95 -6.04
N ASN A 416 -8.59 -6.98 -6.91
CA ASN A 416 -7.72 -7.22 -8.04
C ASN A 416 -6.29 -7.61 -7.62
N SER A 417 -5.90 -7.22 -6.41
CA SER A 417 -4.55 -7.51 -5.93
C SER A 417 -4.55 -8.61 -4.87
N ARG A 418 -5.72 -9.21 -4.63
CA ARG A 418 -5.83 -10.27 -3.65
C ARG A 418 -5.95 -11.70 -4.21
N THR A 419 -5.93 -11.88 -5.53
CA THR A 419 -6.01 -13.24 -6.06
C THR A 419 -4.66 -13.93 -5.72
N PRO A 420 -4.68 -15.25 -5.52
CA PRO A 420 -3.46 -16.00 -5.18
C PRO A 420 -2.20 -15.76 -6.01
N PHE A 421 -1.07 -15.60 -5.33
CA PHE A 421 0.22 -15.39 -5.97
C PHE A 421 0.44 -16.56 -6.93
N GLN A 422 0.84 -16.27 -8.16
CA GLN A 422 1.05 -17.30 -9.20
C GLN A 422 2.48 -17.84 -9.23
N TRP A 423 2.71 -18.92 -8.48
CA TRP A 423 4.01 -19.55 -8.38
C TRP A 423 4.46 -20.34 -9.58
N ASP A 424 3.58 -21.18 -10.13
CA ASP A 424 3.95 -21.98 -11.31
C ASP A 424 2.76 -22.36 -12.17
N GLY A 425 2.99 -23.25 -13.14
CA GLY A 425 1.94 -23.64 -14.05
C GLY A 425 1.10 -24.82 -13.62
N SER A 426 1.27 -25.30 -12.39
CA SER A 426 0.47 -26.44 -11.90
C SER A 426 -0.94 -26.01 -11.47
N LYS A 427 -1.76 -26.97 -11.04
CA LYS A 427 -3.11 -26.62 -10.63
C LYS A 427 -3.06 -25.48 -9.62
N ASN A 428 -3.92 -24.47 -9.82
CA ASN A 428 -3.96 -23.30 -8.93
C ASN A 428 -2.62 -22.59 -8.79
N ALA A 429 -1.85 -22.58 -9.87
CA ALA A 429 -0.54 -21.92 -9.91
C ALA A 429 0.42 -22.31 -8.79
N GLY A 430 0.19 -23.49 -8.20
CA GLY A 430 1.09 -23.94 -7.15
C GLY A 430 0.92 -23.21 -5.83
N PHE A 431 -0.15 -22.43 -5.70
CA PHE A 431 -0.43 -21.67 -4.48
C PHE A 431 -0.89 -22.57 -3.33
N THR A 432 -1.65 -23.61 -3.66
CA THR A 432 -2.17 -24.53 -2.66
C THR A 432 -2.46 -25.87 -3.30
N SER A 433 -2.49 -26.90 -2.46
CA SER A 433 -2.80 -28.26 -2.90
C SER A 433 -4.30 -28.46 -2.76
N GLY A 434 -4.95 -27.52 -2.07
CA GLY A 434 -6.39 -27.60 -1.88
C GLY A 434 -7.13 -26.67 -2.83
N LYS A 435 -8.17 -26.02 -2.32
CA LYS A 435 -8.95 -25.09 -3.14
C LYS A 435 -8.70 -23.68 -2.63
N PRO A 436 -8.22 -22.79 -3.51
CA PRO A 436 -7.92 -21.39 -3.14
C PRO A 436 -9.12 -20.71 -2.47
N TRP A 437 -8.86 -19.91 -1.43
CA TRP A 437 -9.92 -19.20 -0.74
C TRP A 437 -10.55 -18.19 -1.71
N PHE A 438 -9.75 -17.74 -2.68
CA PHE A 438 -10.17 -16.78 -3.69
C PHE A 438 -9.65 -17.31 -5.05
N LYS A 439 -10.49 -17.28 -6.07
CA LYS A 439 -10.08 -17.82 -7.37
C LYS A 439 -8.78 -17.27 -7.97
N VAL A 440 -7.99 -18.17 -8.56
CA VAL A 440 -6.72 -17.80 -9.20
C VAL A 440 -6.95 -17.27 -10.61
N ASN A 441 -6.23 -16.23 -10.99
CA ASN A 441 -6.38 -15.66 -12.33
C ASN A 441 -5.97 -16.73 -13.36
N PRO A 442 -6.79 -16.93 -14.40
CA PRO A 442 -6.49 -17.93 -15.44
C PRO A 442 -5.17 -17.70 -16.18
N ASN A 443 -4.67 -16.46 -16.16
CA ASN A 443 -3.43 -16.15 -16.85
C ASN A 443 -2.17 -16.65 -16.17
N TYR A 444 -2.32 -17.42 -15.10
CA TYR A 444 -1.15 -17.93 -14.40
C TYR A 444 -0.39 -18.92 -15.28
N GLN A 445 -1.06 -19.45 -16.29
CA GLN A 445 -0.35 -20.37 -17.15
C GLN A 445 0.71 -19.62 -17.95
N GLU A 446 0.49 -18.33 -18.17
CA GLU A 446 1.44 -17.50 -18.90
C GLU A 446 2.31 -16.66 -17.96
N ILE A 447 1.76 -16.33 -16.80
CA ILE A 447 2.45 -15.49 -15.81
C ILE A 447 2.67 -16.24 -14.51
N ASN A 448 3.89 -16.71 -14.27
CA ASN A 448 4.15 -17.42 -13.02
C ASN A 448 5.62 -17.30 -12.64
N ALA A 449 5.91 -17.42 -11.35
CA ALA A 449 7.30 -17.26 -10.89
C ALA A 449 8.34 -18.26 -11.40
N VAL A 450 8.01 -19.55 -11.36
CA VAL A 450 8.95 -20.57 -11.80
C VAL A 450 9.41 -20.33 -13.25
N SER A 451 8.50 -19.87 -14.09
CA SER A 451 8.85 -19.61 -15.47
C SER A 451 9.78 -18.42 -15.63
N GLN A 452 9.51 -17.34 -14.90
CA GLN A 452 10.34 -16.13 -15.02
C GLN A 452 11.68 -16.17 -14.32
N VAL A 453 11.83 -16.94 -13.24
CA VAL A 453 13.11 -16.92 -12.52
C VAL A 453 14.31 -17.39 -13.34
N THR A 454 14.09 -18.34 -14.25
CA THR A 454 15.15 -18.87 -15.08
C THR A 454 15.29 -18.16 -16.43
N GLN A 455 14.38 -17.23 -16.72
CA GLN A 455 14.41 -16.47 -17.97
C GLN A 455 15.06 -15.11 -17.72
N PRO A 456 16.28 -14.90 -18.26
CA PRO A 456 16.95 -13.63 -18.05
C PRO A 456 16.28 -12.33 -18.49
N ASP A 457 15.35 -12.41 -19.44
CA ASP A 457 14.65 -11.22 -19.92
C ASP A 457 13.27 -11.09 -19.29
N SER A 458 13.04 -11.80 -18.19
CA SER A 458 11.74 -11.77 -17.53
C SER A 458 11.53 -10.51 -16.70
N VAL A 459 10.27 -10.25 -16.36
CA VAL A 459 9.90 -9.11 -15.56
C VAL A 459 10.55 -9.31 -14.19
N PHE A 460 10.49 -10.53 -13.68
CA PHE A 460 11.10 -10.80 -12.39
C PHE A 460 12.58 -10.41 -12.43
N ASN A 461 13.29 -10.86 -13.45
CA ASN A 461 14.69 -10.54 -13.50
C ASN A 461 15.00 -9.10 -13.81
N TYR A 462 14.02 -8.35 -14.31
CA TYR A 462 14.24 -6.94 -14.58
C TYR A 462 14.21 -6.25 -13.22
N TYR A 463 13.25 -6.64 -12.38
CA TYR A 463 13.18 -6.09 -11.03
C TYR A 463 14.45 -6.42 -10.28
N ARG A 464 14.89 -7.68 -10.38
CA ARG A 464 16.10 -8.08 -9.70
C ARG A 464 17.26 -7.18 -10.10
N GLN A 465 17.42 -6.93 -11.40
CA GLN A 465 18.52 -6.06 -11.88
C GLN A 465 18.42 -4.63 -11.35
N LEU A 466 17.20 -4.08 -11.33
CA LEU A 466 16.98 -2.70 -10.84
C LEU A 466 17.21 -2.56 -9.34
N ILE A 467 16.91 -3.62 -8.61
CA ILE A 467 17.11 -3.62 -7.17
C ILE A 467 18.61 -3.64 -6.89
N LYS A 468 19.35 -4.31 -7.76
CA LYS A 468 20.80 -4.37 -7.59
C LYS A 468 21.38 -3.00 -7.92
N ILE A 469 20.86 -2.39 -8.97
CA ILE A 469 21.34 -1.06 -9.40
C ILE A 469 21.08 -0.02 -8.30
N ARG A 470 19.90 -0.03 -7.71
CA ARG A 470 19.60 0.93 -6.64
C ARG A 470 20.50 0.68 -5.43
N HIS A 471 20.79 -0.60 -5.14
CA HIS A 471 21.66 -0.90 -4.01
C HIS A 471 23.08 -0.35 -4.26
N ASP A 472 23.47 -0.34 -5.53
CA ASP A 472 24.81 0.11 -5.92
C ASP A 472 25.00 1.61 -6.16
N ILE A 473 23.90 2.34 -6.33
N ILE A 473 23.90 2.34 -6.33
CA ILE A 473 23.98 3.76 -6.60
CA ILE A 473 24.04 3.76 -6.61
C ILE A 473 23.34 4.66 -5.57
C ILE A 473 23.36 4.67 -5.60
N PRO A 474 24.14 5.25 -4.67
CA PRO A 474 23.58 6.13 -3.65
C PRO A 474 22.64 7.21 -4.21
N ALA A 475 22.98 7.78 -5.36
CA ALA A 475 22.12 8.81 -5.95
C ALA A 475 20.66 8.38 -6.12
N LEU A 476 20.43 7.09 -6.38
CA LEU A 476 19.07 6.59 -6.59
C LEU A 476 18.22 6.53 -5.33
N THR A 477 18.86 6.61 -4.17
CA THR A 477 18.10 6.64 -2.92
C THR A 477 18.00 8.11 -2.47
N TYR A 478 19.16 8.73 -2.28
CA TYR A 478 19.26 10.10 -1.77
C TYR A 478 19.34 11.26 -2.73
N GLY A 479 19.55 10.97 -4.02
CA GLY A 479 19.67 12.04 -4.99
C GLY A 479 18.44 12.92 -5.08
N THR A 480 18.65 14.22 -5.27
CA THR A 480 17.55 15.16 -5.40
C THR A 480 16.74 14.72 -6.63
N TYR A 481 15.46 15.06 -6.67
CA TYR A 481 14.62 14.64 -7.79
C TYR A 481 14.18 15.83 -8.62
N THR A 482 14.43 15.77 -9.93
CA THR A 482 14.05 16.88 -10.81
C THR A 482 13.33 16.35 -12.05
N ASP A 483 12.13 16.85 -12.30
CA ASP A 483 11.34 16.45 -13.45
C ASP A 483 11.76 17.37 -14.61
N LEU A 484 12.17 16.80 -15.74
CA LEU A 484 12.61 17.63 -16.86
C LEU A 484 11.51 18.44 -17.54
N ASP A 485 10.25 18.03 -17.40
CA ASP A 485 9.12 18.76 -18.01
C ASP A 485 7.79 18.19 -17.53
N PRO A 486 7.27 18.73 -16.43
CA PRO A 486 6.02 18.33 -15.79
C PRO A 486 4.76 18.34 -16.66
N ALA A 487 4.84 18.97 -17.84
CA ALA A 487 3.69 19.07 -18.74
C ALA A 487 3.70 18.09 -19.92
N ASN A 488 4.75 17.30 -20.00
CA ASN A 488 4.94 16.33 -21.07
C ASN A 488 4.05 15.12 -20.77
N ASP A 489 3.11 14.82 -21.67
CA ASP A 489 2.18 13.68 -21.51
C ASP A 489 2.69 12.44 -22.22
N SER A 490 3.84 12.52 -22.89
CA SER A 490 4.32 11.34 -23.60
C SER A 490 5.51 10.63 -22.94
N VAL A 491 6.58 11.38 -22.72
CA VAL A 491 7.78 10.86 -22.12
C VAL A 491 8.01 11.41 -20.73
N TYR A 492 8.13 10.50 -19.77
CA TYR A 492 8.39 10.84 -18.38
C TYR A 492 9.91 10.78 -18.20
N ALA A 493 10.53 11.90 -17.85
CA ALA A 493 11.98 11.92 -17.68
C ALA A 493 12.32 12.75 -16.48
N TYR A 494 13.30 12.30 -15.72
CA TYR A 494 13.74 13.04 -14.54
C TYR A 494 15.16 12.66 -14.19
N THR A 495 15.82 13.51 -13.40
CA THR A 495 17.19 13.22 -12.98
C THR A 495 17.22 13.03 -11.46
N ARG A 496 18.23 12.31 -11.00
CA ARG A 496 18.45 12.06 -9.59
C ARG A 496 19.92 12.42 -9.44
N SER A 497 20.23 13.38 -8.58
CA SER A 497 21.61 13.78 -8.43
C SER A 497 22.10 13.94 -7.01
N LEU A 498 23.30 13.43 -6.78
CA LEU A 498 23.97 13.46 -5.50
C LEU A 498 25.41 13.92 -5.80
N GLY A 499 25.79 15.10 -5.32
CA GLY A 499 27.12 15.58 -5.60
C GLY A 499 27.35 15.65 -7.11
N ALA A 500 28.49 15.14 -7.54
CA ALA A 500 28.88 15.16 -8.95
C ALA A 500 28.25 14.01 -9.74
N GLU A 501 27.47 13.18 -9.08
CA GLU A 501 26.84 12.05 -9.73
C GLU A 501 25.42 12.43 -10.12
N LYS A 502 25.07 12.24 -11.40
CA LYS A 502 23.74 12.58 -11.86
C LYS A 502 23.23 11.49 -12.80
N TYR A 503 22.03 11.01 -12.54
CA TYR A 503 21.44 9.98 -13.37
C TYR A 503 20.10 10.40 -13.95
N LEU A 504 19.79 9.88 -15.12
CA LEU A 504 18.54 10.19 -15.83
C LEU A 504 17.67 8.93 -15.92
N VAL A 505 16.36 9.09 -15.78
CA VAL A 505 15.43 7.97 -15.91
C VAL A 505 14.43 8.43 -16.97
N VAL A 506 14.07 7.52 -17.87
N VAL A 506 14.07 7.54 -17.89
CA VAL A 506 13.15 7.85 -18.95
CA VAL A 506 13.11 7.87 -18.93
C VAL A 506 12.17 6.71 -19.22
C VAL A 506 12.17 6.72 -19.20
N VAL A 507 10.91 7.06 -19.48
CA VAL A 507 9.89 6.09 -19.78
C VAL A 507 8.97 6.66 -20.86
N ASN A 508 8.87 5.95 -21.97
CA ASN A 508 7.99 6.36 -23.06
C ASN A 508 6.62 5.73 -22.75
N PHE A 509 5.67 6.54 -22.28
CA PHE A 509 4.34 6.05 -21.92
C PHE A 509 3.45 5.88 -23.14
N LYS A 510 3.96 6.26 -24.31
CA LYS A 510 3.21 6.20 -25.56
C LYS A 510 3.38 4.92 -26.36
N GLU A 511 2.35 4.59 -27.12
CA GLU A 511 2.38 3.39 -27.94
C GLU A 511 3.14 3.59 -29.25
N GLN A 512 3.62 4.80 -29.46
CA GLN A 512 4.35 5.10 -30.68
C GLN A 512 5.81 5.37 -30.37
N MET A 513 6.68 5.10 -31.34
CA MET A 513 8.09 5.36 -31.17
C MET A 513 8.21 6.88 -30.96
N MET A 514 9.05 7.28 -30.00
CA MET A 514 9.30 8.68 -29.66
C MET A 514 10.78 9.04 -29.68
N ARG A 515 11.11 10.20 -30.23
CA ARG A 515 12.49 10.68 -30.22
C ARG A 515 12.46 11.78 -29.15
N TYR A 516 13.40 11.75 -28.21
CA TYR A 516 13.38 12.73 -27.11
C TYR A 516 14.72 13.42 -26.94
N LYS A 517 14.77 14.71 -27.24
CA LYS A 517 15.99 15.49 -27.09
C LYS A 517 16.13 15.94 -25.63
N LEU A 518 17.28 15.69 -25.00
CA LEU A 518 17.48 16.12 -23.63
C LEU A 518 17.65 17.65 -23.52
N PRO A 519 17.17 18.22 -22.41
CA PRO A 519 17.29 19.68 -22.22
C PRO A 519 18.58 20.09 -21.53
N ASP A 520 18.76 21.40 -21.37
CA ASP A 520 19.92 21.92 -20.66
C ASP A 520 21.27 21.39 -21.10
N ASN A 521 21.43 21.10 -22.39
CA ASN A 521 22.70 20.55 -22.87
C ASN A 521 23.16 19.33 -22.08
N LEU A 522 22.19 18.57 -21.56
CA LEU A 522 22.52 17.35 -20.83
C LEU A 522 22.94 16.30 -21.87
N SER A 523 23.92 15.46 -21.55
CA SER A 523 24.33 14.42 -22.48
C SER A 523 24.61 13.13 -21.70
N ILE A 524 24.49 12.00 -22.40
N ILE A 524 24.48 11.99 -22.38
CA ILE A 524 24.69 10.69 -21.78
CA ILE A 524 24.67 10.69 -21.75
C ILE A 524 26.16 10.29 -21.65
C ILE A 524 26.14 10.26 -21.65
N GLU A 525 26.53 9.75 -20.49
CA GLU A 525 27.90 9.27 -20.26
C GLU A 525 27.81 7.77 -20.58
N LYS A 526 26.90 7.06 -19.91
CA LYS A 526 26.72 5.64 -20.18
C LYS A 526 25.35 5.13 -19.73
N VAL A 527 24.87 4.10 -20.42
CA VAL A 527 23.61 3.46 -20.13
C VAL A 527 23.81 2.58 -18.90
N ILE A 528 22.91 2.68 -17.92
CA ILE A 528 23.03 1.87 -16.74
C ILE A 528 22.18 0.63 -17.01
N ILE A 529 20.98 0.86 -17.51
CA ILE A 529 20.12 -0.23 -17.89
C ILE A 529 19.04 0.31 -18.78
N ASP A 530 18.53 -0.52 -19.66
CA ASP A 530 17.46 -0.09 -20.51
C ASP A 530 16.69 -1.34 -20.95
N SER A 531 15.38 -1.18 -21.09
N SER A 531 15.38 -1.18 -21.09
CA SER A 531 14.50 -2.27 -21.46
CA SER A 531 14.50 -2.27 -21.46
C SER A 531 14.72 -2.74 -22.89
C SER A 531 14.68 -2.73 -22.91
N ASN A 532 15.39 -1.92 -23.68
CA ASN A 532 15.63 -2.22 -25.09
C ASN A 532 16.85 -3.06 -25.43
N SER A 533 17.88 -2.39 -25.95
CA SER A 533 19.13 -3.00 -26.42
C SER A 533 18.99 -2.90 -27.94
N LYS A 534 20.08 -2.97 -28.68
CA LYS A 534 19.92 -2.84 -30.12
C LYS A 534 19.44 -1.43 -30.39
N ASN A 535 19.16 -0.70 -29.32
CA ASN A 535 18.75 0.70 -29.41
C ASN A 535 20.01 1.39 -28.88
N VAL A 536 21.06 1.30 -29.67
CA VAL A 536 22.39 1.82 -29.38
C VAL A 536 22.48 3.27 -28.87
N VAL A 537 23.03 3.43 -27.67
CA VAL A 537 23.20 4.73 -27.05
C VAL A 537 24.71 4.93 -26.90
N LYS A 538 25.24 6.05 -27.38
CA LYS A 538 26.67 6.28 -27.29
C LYS A 538 27.02 7.38 -26.31
N LYS A 539 28.28 7.39 -25.85
CA LYS A 539 28.67 8.44 -24.94
C LYS A 539 28.46 9.77 -25.67
N ASN A 540 27.99 10.77 -24.91
CA ASN A 540 27.73 12.11 -25.41
C ASN A 540 26.41 12.27 -26.18
N ASP A 541 25.63 11.21 -26.28
CA ASP A 541 24.32 11.28 -26.96
C ASP A 541 23.42 12.21 -26.14
N SER A 542 22.58 12.98 -26.83
CA SER A 542 21.64 13.87 -26.16
C SER A 542 20.24 13.68 -26.72
N LEU A 543 20.09 12.73 -27.65
CA LEU A 543 18.78 12.45 -28.22
C LEU A 543 18.52 10.96 -28.09
N LEU A 544 17.43 10.59 -27.45
CA LEU A 544 17.08 9.18 -27.27
C LEU A 544 15.93 8.76 -28.16
N GLU A 545 16.09 7.65 -28.87
CA GLU A 545 14.99 7.16 -29.67
C GLU A 545 14.37 6.09 -28.78
N LEU A 546 13.12 6.29 -28.42
CA LEU A 546 12.42 5.36 -27.54
C LEU A 546 11.30 4.61 -28.24
N LYS A 547 11.34 3.28 -28.11
CA LYS A 547 10.30 2.45 -28.71
C LYS A 547 9.12 2.53 -27.75
N PRO A 548 7.93 2.11 -28.20
CA PRO A 548 6.78 2.17 -27.30
C PRO A 548 7.15 1.50 -25.97
N TRP A 549 6.72 2.10 -24.86
CA TRP A 549 7.00 1.58 -23.51
C TRP A 549 8.47 1.32 -23.15
N GLN A 550 9.40 1.83 -23.94
CA GLN A 550 10.81 1.65 -23.63
C GLN A 550 11.11 2.47 -22.37
N SER A 551 12.14 2.07 -21.63
CA SER A 551 12.52 2.80 -20.42
C SER A 551 13.97 2.52 -20.14
N GLY A 552 14.58 3.33 -19.30
CA GLY A 552 15.99 3.12 -19.01
C GLY A 552 16.55 4.10 -18.03
N VAL A 553 17.76 3.81 -17.57
CA VAL A 553 18.46 4.65 -16.61
C VAL A 553 19.83 4.93 -17.20
N TYR A 554 20.25 6.19 -17.19
CA TYR A 554 21.57 6.54 -17.73
C TYR A 554 22.33 7.46 -16.79
N LYS A 555 23.66 7.37 -16.84
CA LYS A 555 24.51 8.22 -16.04
C LYS A 555 24.78 9.38 -17.00
N LEU A 556 24.65 10.59 -16.51
CA LEU A 556 24.86 11.76 -17.34
C LEU A 556 26.27 12.30 -17.19
N ASN A 557 26.76 12.95 -18.24
CA ASN A 557 28.08 13.55 -18.23
C ASN A 557 28.11 14.70 -17.25
N GLN A 558 29.32 14.96 -16.76
CA GLN A 558 29.63 16.03 -15.82
C GLN A 558 29.56 15.58 -14.39
#